data_6F0G
#
_entry.id   6F0G
#
_cell.length_a   73.470
_cell.length_b   73.470
_cell.length_c   343.860
_cell.angle_alpha   90.00
_cell.angle_beta   90.00
_cell.angle_gamma   120.00
#
_symmetry.space_group_name_H-M   'H 3 2'
#
loop_
_entity.id
_entity.type
_entity.pdbx_description
1 polymer 'Histone chaperone ASF1A'
2 polymer ip3
3 non-polymer 'SULFATE ION'
4 water water
#
loop_
_entity_poly.entity_id
_entity_poly.type
_entity_poly.pdbx_seq_one_letter_code
_entity_poly.pdbx_strand_id
1 'polypeptide(L)'
;GAMAKVQVNNVVVLDNPSPFYNPFQFEITFECIEDLSEDLEWKIIYVGSAESEEYDQVLDSVLVGPVPAGRHMFVFQADA
PNPGLIPDADAVGVTVVLITCTYRGQEFIRVGYYVNNEYTETELRENPPVKPDFSKLQRNILASNPRVTRFHINWEDN
;
A,B
2 'polypeptide(L)' ASTERKWAELARRIRGAGGVTLNGFG C,D
#
loop_
_chem_comp.id
_chem_comp.type
_chem_comp.name
_chem_comp.formula
SO4 non-polymer 'SULFATE ION' 'O4 S -2'
#
# COMPACT_ATOMS: atom_id res chain seq x y z
N MET A 3 -32.66 -9.86 -2.33
CA MET A 3 -32.53 -8.45 -1.99
C MET A 3 -31.09 -7.98 -2.21
N ALA A 4 -30.12 -8.54 -1.44
CA ALA A 4 -28.69 -8.24 -1.53
C ALA A 4 -28.14 -8.66 -2.91
N LYS A 5 -27.68 -7.66 -3.69
CA LYS A 5 -27.17 -7.81 -5.05
C LYS A 5 -25.86 -8.60 -5.17
N VAL A 6 -25.02 -8.59 -4.12
CA VAL A 6 -23.74 -9.30 -4.13
C VAL A 6 -23.68 -10.33 -3.00
N GLN A 7 -23.26 -11.56 -3.34
CA GLN A 7 -23.09 -12.71 -2.44
C GLN A 7 -21.64 -13.21 -2.52
N VAL A 8 -20.97 -13.36 -1.35
CA VAL A 8 -19.59 -13.85 -1.29
C VAL A 8 -19.57 -15.38 -1.05
N ASN A 9 -19.24 -16.12 -2.12
CA ASN A 9 -19.21 -17.58 -2.20
C ASN A 9 -18.08 -18.25 -1.41
N ASN A 10 -16.84 -17.73 -1.54
CA ASN A 10 -15.67 -18.24 -0.84
C ASN A 10 -14.50 -17.24 -0.91
N VAL A 11 -13.53 -17.44 -0.01
CA VAL A 11 -12.26 -16.72 0.06
C VAL A 11 -11.25 -17.80 0.36
N VAL A 12 -10.26 -17.94 -0.54
CA VAL A 12 -9.18 -18.90 -0.41
C VAL A 12 -7.93 -18.08 -0.04
N VAL A 13 -7.28 -18.48 1.06
CA VAL A 13 -6.07 -17.86 1.57
C VAL A 13 -4.91 -18.60 0.88
N LEU A 14 -4.10 -17.87 0.09
CA LEU A 14 -2.95 -18.40 -0.66
C LEU A 14 -1.64 -17.99 0.03
N ASP A 15 -0.53 -18.58 -0.35
CA ASP A 15 0.82 -18.37 0.24
C ASP A 15 0.82 -18.32 1.79
N ASN A 16 0.15 -19.26 2.36
CA ASN A 16 -0.03 -19.38 3.78
C ASN A 16 0.49 -20.71 4.27
N PRO A 17 1.44 -20.73 5.24
CA PRO A 17 2.06 -19.58 5.95
C PRO A 17 3.08 -18.85 5.09
N SER A 18 3.59 -17.74 5.59
CA SER A 18 4.62 -16.95 4.91
C SER A 18 5.35 -16.07 5.88
N PRO A 19 6.62 -15.70 5.57
CA PRO A 19 7.34 -14.71 6.39
C PRO A 19 6.53 -13.41 6.49
N PHE A 20 6.57 -12.80 7.65
CA PHE A 20 5.92 -11.52 7.95
C PHE A 20 5.96 -10.47 6.78
N TYR A 21 7.14 -10.27 6.13
CA TYR A 21 7.37 -9.29 5.05
C TYR A 21 6.84 -9.67 3.67
N ASN A 22 6.40 -10.94 3.52
CA ASN A 22 5.84 -11.45 2.27
C ASN A 22 4.40 -10.97 2.05
N PRO A 23 3.96 -10.75 0.79
CA PRO A 23 2.59 -10.23 0.57
C PRO A 23 1.41 -11.14 0.94
N PHE A 24 0.23 -10.52 1.05
CA PHE A 24 -1.01 -11.25 1.31
C PHE A 24 -1.56 -11.64 -0.04
N GLN A 25 -2.21 -12.81 -0.12
CA GLN A 25 -2.82 -13.34 -1.33
C GLN A 25 -4.16 -13.93 -0.96
N PHE A 26 -5.22 -13.59 -1.72
CA PHE A 26 -6.56 -14.09 -1.49
C PHE A 26 -7.28 -14.29 -2.81
N GLU A 27 -7.88 -15.47 -2.99
CA GLU A 27 -8.64 -15.77 -4.20
C GLU A 27 -10.07 -15.63 -3.72
N ILE A 28 -10.77 -14.63 -4.27
CA ILE A 28 -12.13 -14.28 -3.89
C ILE A 28 -13.10 -14.64 -5.00
N THR A 29 -14.18 -15.34 -4.60
CA THR A 29 -15.30 -15.73 -5.43
C THR A 29 -16.54 -15.05 -4.85
N PHE A 30 -17.33 -14.44 -5.73
CA PHE A 30 -18.56 -13.76 -5.40
C PHE A 30 -19.58 -13.92 -6.53
N GLU A 31 -20.87 -14.04 -6.18
CA GLU A 31 -21.92 -14.20 -7.19
C GLU A 31 -22.80 -12.97 -7.23
N CYS A 32 -22.98 -12.46 -8.44
CA CYS A 32 -23.82 -11.30 -8.70
C CYS A 32 -25.19 -11.77 -9.13
N ILE A 33 -26.18 -11.51 -8.27
CA ILE A 33 -27.59 -11.85 -8.45
C ILE A 33 -28.22 -10.89 -9.50
N GLU A 34 -27.71 -9.64 -9.55
CA GLU A 34 -28.15 -8.59 -10.48
C GLU A 34 -26.95 -7.75 -10.97
N ASP A 35 -27.14 -7.01 -12.09
CA ASP A 35 -26.12 -6.14 -12.68
C ASP A 35 -26.00 -4.86 -11.86
N LEU A 36 -24.75 -4.48 -11.46
CA LEU A 36 -24.49 -3.26 -10.69
C LEU A 36 -23.91 -2.16 -11.57
N SER A 37 -24.51 -0.94 -11.50
CA SER A 37 -24.06 0.23 -12.27
C SER A 37 -22.86 0.93 -11.61
N GLU A 38 -22.63 0.66 -10.32
CA GLU A 38 -21.52 1.26 -9.56
C GLU A 38 -20.46 0.22 -9.21
N ASP A 39 -19.33 0.70 -8.67
CA ASP A 39 -18.21 -0.16 -8.31
C ASP A 39 -18.27 -0.76 -6.92
N LEU A 40 -17.73 -1.96 -6.78
CA LEU A 40 -17.64 -2.76 -5.56
C LEU A 40 -16.22 -2.56 -5.01
N GLU A 41 -16.06 -1.82 -3.90
CA GLU A 41 -14.74 -1.58 -3.32
C GLU A 41 -14.32 -2.62 -2.27
N TRP A 42 -13.20 -3.33 -2.53
CA TRP A 42 -12.63 -4.35 -1.66
C TRP A 42 -11.45 -3.78 -0.89
N LYS A 43 -11.33 -4.10 0.41
CA LYS A 43 -10.23 -3.61 1.25
C LYS A 43 -9.63 -4.70 2.12
N ILE A 44 -8.32 -4.64 2.31
CA ILE A 44 -7.57 -5.56 3.19
C ILE A 44 -7.11 -4.72 4.36
N ILE A 45 -7.56 -5.04 5.54
CA ILE A 45 -7.24 -4.24 6.72
C ILE A 45 -6.53 -5.09 7.77
N TYR A 46 -5.30 -4.70 8.08
CA TYR A 46 -4.54 -5.37 9.13
C TYR A 46 -4.82 -4.70 10.48
N VAL A 47 -5.17 -5.53 11.45
CA VAL A 47 -5.40 -5.04 12.80
C VAL A 47 -3.99 -5.05 13.46
N GLY A 48 -3.33 -3.89 13.48
CA GLY A 48 -2.00 -3.79 14.07
C GLY A 48 -1.99 -4.03 15.58
N SER A 49 -3.12 -3.69 16.24
CA SER A 49 -3.28 -3.79 17.71
C SER A 49 -4.69 -4.03 18.17
N ALA A 50 -4.91 -5.14 18.90
CA ALA A 50 -6.22 -5.50 19.48
C ALA A 50 -6.69 -4.38 20.43
N GLU A 51 -5.76 -3.81 21.21
CA GLU A 51 -6.04 -2.76 22.19
C GLU A 51 -6.58 -1.45 21.58
N SER A 52 -6.19 -1.09 20.33
CA SER A 52 -6.66 0.12 19.68
C SER A 52 -6.78 0.10 18.13
N GLU A 53 -7.84 0.73 17.63
CA GLU A 53 -8.14 0.95 16.21
C GLU A 53 -7.17 1.97 15.59
N GLU A 54 -6.31 2.62 16.43
CA GLU A 54 -5.30 3.56 15.96
C GLU A 54 -4.29 2.82 15.09
N TYR A 55 -4.02 1.56 15.43
CA TYR A 55 -3.00 0.76 14.77
C TYR A 55 -3.42 -0.01 13.54
N ASP A 56 -4.63 0.26 12.98
CA ASP A 56 -5.09 -0.39 11.74
C ASP A 56 -4.33 0.14 10.55
N GLN A 57 -4.07 -0.78 9.60
CA GLN A 57 -3.35 -0.49 8.37
C GLN A 57 -4.15 -1.04 7.21
N VAL A 58 -4.57 -0.17 6.30
CA VAL A 58 -5.25 -0.62 5.10
C VAL A 58 -4.09 -1.02 4.24
N LEU A 59 -3.97 -2.29 3.95
CA LEU A 59 -2.86 -2.79 3.17
C LEU A 59 -3.09 -2.62 1.68
N ASP A 60 -4.37 -2.60 1.26
CA ASP A 60 -4.74 -2.45 -0.16
C ASP A 60 -6.21 -2.16 -0.29
N SER A 61 -6.59 -1.53 -1.39
CA SER A 61 -7.97 -1.22 -1.67
C SER A 61 -8.14 -1.32 -3.17
N VAL A 62 -9.19 -2.03 -3.62
CA VAL A 62 -9.44 -2.28 -5.04
C VAL A 62 -10.90 -2.02 -5.45
N LEU A 63 -11.08 -1.30 -6.55
CA LEU A 63 -12.39 -1.06 -7.16
C LEU A 63 -12.67 -2.13 -8.23
N VAL A 64 -13.83 -2.79 -8.14
CA VAL A 64 -14.24 -3.87 -9.04
C VAL A 64 -15.62 -3.51 -9.60
N GLY A 65 -15.71 -3.27 -10.90
CA GLY A 65 -16.98 -2.93 -11.54
C GLY A 65 -16.88 -2.32 -12.93
N PRO A 66 -18.00 -2.17 -13.68
CA PRO A 66 -19.39 -2.54 -13.33
C PRO A 66 -19.62 -4.05 -13.47
N VAL A 67 -19.87 -4.71 -12.34
CA VAL A 67 -20.05 -6.17 -12.29
C VAL A 67 -21.39 -6.65 -12.88
N PRO A 68 -21.39 -7.44 -13.99
CA PRO A 68 -22.65 -7.96 -14.51
C PRO A 68 -23.12 -9.17 -13.70
N ALA A 69 -24.39 -9.60 -13.88
CA ALA A 69 -24.99 -10.75 -13.17
C ALA A 69 -24.22 -12.04 -13.46
N GLY A 70 -23.95 -12.80 -12.40
CA GLY A 70 -23.21 -14.06 -12.49
C GLY A 70 -22.03 -14.15 -11.54
N ARG A 71 -21.43 -15.36 -11.49
CA ARG A 71 -20.30 -15.70 -10.63
C ARG A 71 -19.02 -15.04 -11.12
N HIS A 72 -18.27 -14.40 -10.20
CA HIS A 72 -16.97 -13.84 -10.54
C HIS A 72 -15.89 -14.07 -9.51
N MET A 73 -14.65 -14.05 -9.99
CA MET A 73 -13.46 -14.44 -9.25
C MET A 73 -12.31 -13.50 -9.53
N PHE A 74 -11.47 -13.26 -8.50
CA PHE A 74 -10.29 -12.40 -8.59
C PHE A 74 -9.31 -12.67 -7.45
N VAL A 75 -8.04 -12.41 -7.73
CA VAL A 75 -7.00 -12.52 -6.71
C VAL A 75 -6.80 -11.10 -6.14
N PHE A 76 -6.74 -11.04 -4.84
CA PHE A 76 -6.58 -9.84 -4.09
C PHE A 76 -5.26 -9.98 -3.38
N GLN A 77 -4.29 -9.21 -3.85
CA GLN A 77 -2.95 -9.20 -3.28
C GLN A 77 -2.71 -7.88 -2.53
N ALA A 78 -1.87 -7.92 -1.48
CA ALA A 78 -1.56 -6.75 -0.67
C ALA A 78 -0.22 -6.93 -0.03
N ASP A 79 0.54 -5.84 0.01
CA ASP A 79 1.84 -5.79 0.62
C ASP A 79 1.72 -5.94 2.13
N ALA A 80 2.79 -6.47 2.74
CA ALA A 80 2.90 -6.72 4.16
C ALA A 80 2.70 -5.45 5.02
N PRO A 81 2.19 -5.57 6.26
CA PRO A 81 2.03 -4.36 7.09
C PRO A 81 3.36 -3.72 7.46
N ASN A 82 3.30 -2.49 7.95
CA ASN A 82 4.50 -1.78 8.34
C ASN A 82 4.82 -2.10 9.82
N PRO A 83 5.94 -2.82 10.09
CA PRO A 83 6.31 -3.14 11.49
C PRO A 83 6.46 -1.92 12.37
N GLY A 84 6.85 -0.79 11.79
CA GLY A 84 7.04 0.45 12.55
C GLY A 84 5.76 1.08 13.09
N LEU A 85 4.61 0.62 12.58
CA LEU A 85 3.27 1.07 13.00
C LEU A 85 2.63 0.08 13.96
N ILE A 86 3.26 -1.10 14.14
CA ILE A 86 2.76 -2.17 15.01
C ILE A 86 3.43 -2.10 16.40
N PRO A 87 2.64 -1.97 17.52
CA PRO A 87 3.26 -1.93 18.86
C PRO A 87 3.89 -3.25 19.21
N ASP A 88 5.05 -3.18 19.91
CA ASP A 88 5.86 -4.33 20.33
C ASP A 88 5.10 -5.46 21.00
N ALA A 89 4.20 -5.12 21.92
CA ALA A 89 3.38 -6.08 22.68
C ALA A 89 2.44 -6.91 21.83
N ASP A 90 2.01 -6.41 20.63
CA ASP A 90 1.10 -7.11 19.70
C ASP A 90 1.79 -7.81 18.53
N ALA A 91 3.11 -7.61 18.36
CA ALA A 91 3.91 -8.17 17.27
C ALA A 91 3.89 -9.71 17.28
N VAL A 92 4.20 -10.33 18.43
CA VAL A 92 4.24 -11.79 18.53
C VAL A 92 2.94 -12.27 19.21
N GLY A 93 2.31 -13.28 18.61
CA GLY A 93 1.06 -13.88 19.05
C GLY A 93 -0.02 -13.73 18.01
N VAL A 94 -1.25 -13.63 18.47
CA VAL A 94 -2.45 -13.57 17.64
C VAL A 94 -2.97 -12.16 17.38
N THR A 95 -3.42 -11.93 16.14
CA THR A 95 -4.05 -10.71 15.65
C THR A 95 -5.11 -11.06 14.57
N VAL A 96 -5.66 -10.03 13.94
CA VAL A 96 -6.72 -10.21 12.95
C VAL A 96 -6.44 -9.41 11.62
N VAL A 97 -6.73 -10.04 10.46
CA VAL A 97 -6.69 -9.43 9.16
C VAL A 97 -8.15 -9.44 8.72
N LEU A 98 -8.59 -8.37 8.07
CA LEU A 98 -9.97 -8.26 7.63
C LEU A 98 -10.05 -8.04 6.12
N ILE A 99 -11.12 -8.59 5.52
CA ILE A 99 -11.42 -8.38 4.11
C ILE A 99 -12.79 -7.79 4.11
N THR A 100 -12.92 -6.56 3.64
CA THR A 100 -14.23 -5.91 3.59
C THR A 100 -14.64 -5.57 2.16
N CYS A 101 -15.95 -5.41 1.95
CA CYS A 101 -16.48 -4.92 0.68
C CYS A 101 -17.64 -3.90 0.88
N THR A 102 -17.48 -2.72 0.25
CA THR A 102 -18.49 -1.67 0.22
C THR A 102 -19.03 -1.51 -1.21
N TYR A 103 -20.25 -0.98 -1.32
CA TYR A 103 -20.98 -0.64 -2.54
C TYR A 103 -21.75 0.62 -2.18
N ARG A 104 -21.26 1.78 -2.70
CA ARG A 104 -21.79 3.12 -2.44
C ARG A 104 -21.59 3.48 -0.95
N GLY A 105 -20.32 3.43 -0.53
CA GLY A 105 -19.85 3.73 0.82
C GLY A 105 -20.39 2.88 1.96
N GLN A 106 -21.08 1.77 1.63
CA GLN A 106 -21.73 0.89 2.60
C GLN A 106 -21.16 -0.54 2.68
N GLU A 107 -20.59 -0.89 3.86
CA GLU A 107 -20.03 -2.19 4.18
C GLU A 107 -21.16 -3.22 4.31
N PHE A 108 -21.17 -4.26 3.45
CA PHE A 108 -22.17 -5.34 3.46
C PHE A 108 -21.55 -6.69 3.77
N ILE A 109 -20.24 -6.77 3.62
CA ILE A 109 -19.48 -7.99 3.91
C ILE A 109 -18.16 -7.69 4.62
N ARG A 110 -17.83 -8.54 5.57
CA ARG A 110 -16.60 -8.49 6.33
C ARG A 110 -16.18 -9.94 6.58
N VAL A 111 -15.07 -10.36 5.97
CA VAL A 111 -14.46 -11.65 6.20
C VAL A 111 -13.26 -11.34 7.10
N GLY A 112 -13.19 -11.97 8.27
CA GLY A 112 -12.08 -11.78 9.19
C GLY A 112 -11.33 -13.06 9.44
N TYR A 113 -10.01 -12.96 9.62
CA TYR A 113 -9.23 -14.16 9.90
C TYR A 113 -8.40 -13.90 11.12
N TYR A 114 -8.22 -14.93 11.94
CA TYR A 114 -7.29 -14.86 13.03
C TYR A 114 -5.91 -15.12 12.38
N VAL A 115 -4.90 -14.39 12.86
CA VAL A 115 -3.56 -14.49 12.32
C VAL A 115 -2.55 -14.70 13.43
N ASN A 116 -1.71 -15.71 13.25
CA ASN A 116 -0.71 -16.12 14.21
C ASN A 116 0.70 -15.76 13.77
N ASN A 117 1.26 -14.72 14.39
CA ASN A 117 2.61 -14.23 14.12
C ASN A 117 3.58 -14.77 15.15
N GLU A 118 4.39 -15.76 14.74
CA GLU A 118 5.34 -16.48 15.58
C GLU A 118 6.69 -16.66 14.92
N TYR A 119 7.68 -16.90 15.79
CA TYR A 119 9.05 -17.26 15.46
C TYR A 119 9.10 -18.78 15.17
N THR A 120 9.89 -19.15 14.20
CA THR A 120 10.05 -20.56 13.83
C THR A 120 11.34 -21.11 14.40
N GLU A 121 12.27 -20.22 14.74
CA GLU A 121 13.57 -20.53 15.34
C GLU A 121 13.37 -20.88 16.82
N THR A 122 13.99 -21.98 17.24
CA THR A 122 13.91 -22.50 18.62
C THR A 122 14.34 -21.49 19.67
N GLU A 123 15.48 -20.80 19.45
CA GLU A 123 16.05 -19.80 20.37
C GLU A 123 15.09 -18.61 20.60
N LEU A 124 14.52 -18.09 19.50
CA LEU A 124 13.61 -16.94 19.47
C LEU A 124 12.24 -17.23 20.08
N ARG A 125 11.66 -18.39 19.79
CA ARG A 125 10.36 -18.80 20.30
C ARG A 125 10.43 -19.04 21.83
N GLU A 126 11.54 -19.64 22.32
CA GLU A 126 11.72 -19.91 23.74
C GLU A 126 12.05 -18.61 24.49
N ASN A 127 12.88 -17.74 23.87
CA ASN A 127 13.28 -16.45 24.46
C ASN A 127 13.09 -15.29 23.48
N PRO A 128 11.85 -14.75 23.38
CA PRO A 128 11.61 -13.68 22.41
C PRO A 128 12.28 -12.35 22.78
N PRO A 129 12.94 -11.68 21.80
CA PRO A 129 13.61 -10.41 22.13
C PRO A 129 12.67 -9.27 22.56
N VAL A 130 13.25 -8.20 23.17
CA VAL A 130 12.53 -6.99 23.61
C VAL A 130 12.00 -6.28 22.35
N LYS A 131 12.87 -6.09 21.36
CA LYS A 131 12.49 -5.54 20.06
C LYS A 131 12.17 -6.72 19.15
N PRO A 132 10.91 -6.82 18.67
CA PRO A 132 10.59 -7.94 17.77
C PRO A 132 11.41 -7.90 16.48
N ASP A 133 11.95 -9.07 16.08
CA ASP A 133 12.75 -9.25 14.86
C ASP A 133 11.71 -9.74 13.84
N PHE A 134 11.16 -8.77 13.07
CA PHE A 134 10.08 -9.05 12.08
C PHE A 134 10.54 -9.89 10.92
N SER A 135 11.85 -9.88 10.61
CA SER A 135 12.44 -10.62 9.49
C SER A 135 12.44 -12.14 9.70
N LYS A 136 12.14 -12.57 10.94
CA LYS A 136 12.14 -13.96 11.41
C LYS A 136 10.73 -14.43 11.86
N LEU A 137 9.76 -13.53 11.83
CA LEU A 137 8.40 -13.87 12.17
C LEU A 137 7.74 -14.45 10.94
N GLN A 138 6.94 -15.50 11.16
CA GLN A 138 6.15 -16.15 10.16
C GLN A 138 4.71 -15.80 10.42
N ARG A 139 4.00 -15.41 9.37
CA ARG A 139 2.58 -15.08 9.49
C ARG A 139 1.80 -16.33 9.11
N ASN A 140 1.03 -16.86 10.06
CA ASN A 140 0.19 -18.01 9.80
C ASN A 140 -1.28 -17.68 10.02
N ILE A 141 -2.00 -17.42 8.91
CA ILE A 141 -3.43 -17.13 8.84
C ILE A 141 -4.25 -18.43 9.14
N LEU A 142 -5.35 -18.28 9.91
CA LEU A 142 -6.25 -19.38 10.29
C LEU A 142 -7.37 -19.49 9.23
N ALA A 143 -6.95 -19.95 8.04
CA ALA A 143 -7.71 -20.10 6.82
C ALA A 143 -8.90 -21.04 6.92
N SER A 144 -8.83 -22.01 7.86
CA SER A 144 -9.92 -22.99 8.08
C SER A 144 -11.05 -22.42 8.93
N ASN A 145 -10.83 -21.23 9.55
CA ASN A 145 -11.84 -20.58 10.40
C ASN A 145 -12.24 -19.16 9.85
N PRO A 146 -12.73 -19.03 8.57
CA PRO A 146 -13.13 -17.69 8.08
C PRO A 146 -14.33 -17.17 8.85
N ARG A 147 -14.20 -15.98 9.41
CA ARG A 147 -15.24 -15.37 10.22
C ARG A 147 -15.97 -14.32 9.39
N VAL A 148 -17.16 -14.69 8.90
CA VAL A 148 -17.96 -13.91 7.96
C VAL A 148 -19.10 -13.18 8.60
N THR A 149 -19.22 -11.85 8.28
CA THR A 149 -20.29 -10.97 8.75
C THR A 149 -20.93 -10.18 7.61
N ARG A 150 -22.23 -10.44 7.39
CA ARG A 150 -23.09 -9.75 6.43
C ARG A 150 -23.84 -8.55 7.12
N PHE A 151 -23.94 -7.42 6.41
CA PHE A 151 -24.58 -6.20 6.90
C PHE A 151 -25.67 -5.74 5.93
N HIS A 152 -26.84 -5.33 6.47
CA HIS A 152 -28.00 -4.86 5.72
C HIS A 152 -27.68 -3.52 5.09
N ILE A 153 -27.65 -3.47 3.74
CA ILE A 153 -27.27 -2.29 2.98
C ILE A 153 -28.33 -1.76 1.99
N ASN A 154 -28.10 -0.57 1.40
CA ASN A 154 -28.96 0.03 0.39
C ASN A 154 -28.40 -0.16 -1.03
N TRP A 155 -29.14 -0.90 -1.86
CA TRP A 155 -28.79 -1.15 -3.26
C TRP A 155 -29.73 -0.29 -4.13
N GLU A 156 -29.49 1.04 -4.13
CA GLU A 156 -30.29 2.02 -4.87
C GLU A 156 -29.69 2.29 -6.25
N MET B 3 0.35 15.62 -30.39
CA MET B 3 0.45 14.17 -30.53
C MET B 3 0.12 13.49 -29.19
N ALA B 4 0.95 13.74 -28.14
CA ALA B 4 0.77 13.20 -26.79
C ALA B 4 -0.52 13.74 -26.17
N LYS B 5 -1.47 12.82 -25.89
CA LYS B 5 -2.80 13.10 -25.37
C LYS B 5 -2.84 13.67 -23.95
N VAL B 6 -1.83 13.33 -23.12
CA VAL B 6 -1.75 13.81 -21.73
C VAL B 6 -0.47 14.60 -21.49
N GLN B 7 -0.60 15.79 -20.86
CA GLN B 7 0.49 16.71 -20.50
C GLN B 7 0.45 16.97 -18.99
N VAL B 8 1.59 16.81 -18.30
CA VAL B 8 1.71 17.03 -16.85
C VAL B 8 2.20 18.45 -16.56
N ASN B 9 1.26 19.29 -16.11
CA ASN B 9 1.45 20.72 -15.82
C ASN B 9 2.30 21.03 -14.60
N ASN B 10 2.04 20.34 -13.48
CA ASN B 10 2.77 20.51 -12.23
C ASN B 10 2.47 19.37 -11.24
N VAL B 11 3.38 19.23 -10.27
CA VAL B 11 3.29 18.30 -9.15
C VAL B 11 3.73 19.13 -7.96
N VAL B 12 2.83 19.26 -6.97
CA VAL B 12 3.09 19.98 -5.74
C VAL B 12 3.28 18.92 -4.65
N VAL B 13 4.41 19.01 -3.93
CA VAL B 13 4.77 18.12 -2.84
C VAL B 13 4.18 18.74 -1.57
N LEU B 14 3.24 18.03 -0.91
CA LEU B 14 2.57 18.46 0.32
C LEU B 14 3.13 17.72 1.53
N ASP B 15 2.85 18.21 2.73
CA ASP B 15 3.34 17.65 4.01
C ASP B 15 4.86 17.30 4.00
N ASN B 16 5.61 18.25 3.51
CA ASN B 16 7.02 18.13 3.36
C ASN B 16 7.72 19.22 4.14
N PRO B 17 8.66 18.90 5.06
CA PRO B 17 9.13 17.55 5.45
C PRO B 17 8.12 16.81 6.31
N SER B 18 8.41 15.57 6.60
CA SER B 18 7.58 14.76 7.49
C SER B 18 8.36 13.62 8.08
N PRO B 19 7.93 13.10 9.26
CA PRO B 19 8.56 11.88 9.80
C PRO B 19 8.47 10.74 8.78
N PHE B 20 9.52 9.94 8.70
CA PHE B 20 9.60 8.77 7.84
C PHE B 20 8.26 7.95 7.68
N TYR B 21 7.56 7.67 8.82
CA TYR B 21 6.32 6.87 8.87
C TYR B 21 5.04 7.58 8.41
N ASN B 22 5.14 8.89 8.16
CA ASN B 22 4.02 9.71 7.70
C ASN B 22 3.76 9.54 6.20
N PRO B 23 2.48 9.63 5.73
CA PRO B 23 2.21 9.41 4.29
C PRO B 23 2.76 10.44 3.31
N PHE B 24 2.94 10.03 2.03
CA PHE B 24 3.37 10.93 0.94
C PHE B 24 2.13 11.64 0.47
N GLN B 25 2.28 12.88 -0.04
CA GLN B 25 1.15 13.68 -0.53
C GLN B 25 1.57 14.59 -1.65
N PHE B 26 0.90 14.41 -2.80
CA PHE B 26 1.21 15.19 -3.99
C PHE B 26 -0.05 15.64 -4.65
N GLU B 27 -0.05 16.87 -5.06
CA GLU B 27 -1.16 17.48 -5.77
C GLU B 27 -0.68 17.49 -7.18
N ILE B 28 -1.36 16.74 -8.05
CA ILE B 28 -1.03 16.59 -9.46
C ILE B 28 -2.03 17.29 -10.35
N THR B 29 -1.49 18.10 -11.28
CA THR B 29 -2.21 18.81 -12.31
C THR B 29 -1.70 18.28 -13.65
N PHE B 30 -2.65 17.97 -14.54
CA PHE B 30 -2.40 17.47 -15.87
C PHE B 30 -3.45 17.99 -16.84
N GLU B 31 -3.05 18.20 -18.09
CA GLU B 31 -3.92 18.70 -19.13
C GLU B 31 -4.19 17.64 -20.16
N CYS B 32 -5.48 17.49 -20.46
CA CYS B 32 -5.90 16.56 -21.47
C CYS B 32 -6.21 17.33 -22.75
N ILE B 33 -5.38 17.07 -23.76
CA ILE B 33 -5.45 17.68 -25.09
C ILE B 33 -6.63 17.06 -25.87
N GLU B 34 -6.91 15.77 -25.60
CA GLU B 34 -8.00 15.00 -26.20
C GLU B 34 -8.67 14.06 -25.17
N ASP B 35 -9.89 13.58 -25.48
CA ASP B 35 -10.66 12.66 -24.63
C ASP B 35 -10.06 11.25 -24.73
N LEU B 36 -9.77 10.60 -23.58
CA LEU B 36 -9.22 9.24 -23.54
C LEU B 36 -10.30 8.22 -23.17
N SER B 37 -10.42 7.14 -23.97
CA SER B 37 -11.38 6.06 -23.74
C SER B 37 -10.90 5.06 -22.68
N GLU B 38 -9.59 5.06 -22.40
CA GLU B 38 -8.98 4.15 -21.44
C GLU B 38 -8.49 4.90 -20.20
N ASP B 39 -8.08 4.15 -19.17
CA ASP B 39 -7.61 4.72 -17.91
C ASP B 39 -6.12 5.08 -17.87
N LEU B 40 -5.81 6.13 -17.13
CA LEU B 40 -4.48 6.66 -16.90
C LEU B 40 -4.02 6.12 -15.54
N GLU B 41 -3.05 5.18 -15.51
CA GLU B 41 -2.56 4.62 -14.25
C GLU B 41 -1.36 5.37 -13.67
N TRP B 42 -1.53 5.91 -12.45
CA TRP B 42 -0.50 6.65 -11.70
C TRP B 42 0.12 5.76 -10.64
N LYS B 43 1.45 5.83 -10.47
CA LYS B 43 2.15 5.02 -9.46
C LYS B 43 3.18 5.83 -8.68
N ILE B 44 3.32 5.51 -7.39
CA ILE B 44 4.33 6.11 -6.51
C ILE B 44 5.32 5.01 -6.19
N ILE B 45 6.54 5.20 -6.57
CA ILE B 45 7.54 4.17 -6.37
C ILE B 45 8.71 4.71 -5.53
N TYR B 46 8.84 4.16 -4.30
CA TYR B 46 9.97 4.45 -3.44
C TYR B 46 11.22 3.62 -3.84
N VAL B 47 12.32 4.33 -4.10
CA VAL B 47 13.56 3.64 -4.41
C VAL B 47 14.16 3.31 -3.01
N GLY B 48 14.03 2.04 -2.60
CA GLY B 48 14.55 1.61 -1.31
C GLY B 48 16.07 1.56 -1.26
N SER B 49 16.72 1.30 -2.44
CA SER B 49 18.16 1.17 -2.57
C SER B 49 18.70 1.56 -3.94
N ALA B 50 19.62 2.56 -3.96
CA ALA B 50 20.30 3.01 -5.18
C ALA B 50 21.06 1.84 -5.84
N GLU B 51 21.69 0.99 -5.02
CA GLU B 51 22.45 -0.17 -5.47
C GLU B 51 21.65 -1.24 -6.23
N SER B 52 20.36 -1.40 -5.93
CA SER B 52 19.52 -2.39 -6.59
C SER B 52 18.02 -2.10 -6.72
N GLU B 53 17.44 -2.45 -7.88
CA GLU B 53 15.99 -2.35 -8.18
C GLU B 53 15.19 -3.40 -7.37
N GLU B 54 15.88 -4.31 -6.64
CA GLU B 54 15.22 -5.31 -5.82
C GLU B 54 14.46 -4.59 -4.69
N TYR B 55 15.01 -3.48 -4.21
CA TYR B 55 14.48 -2.76 -3.09
C TYR B 55 13.42 -1.72 -3.36
N ASP B 56 12.85 -1.70 -4.58
CA ASP B 56 11.74 -0.79 -4.93
C ASP B 56 10.47 -1.21 -4.24
N GLN B 57 9.69 -0.21 -3.85
CA GLN B 57 8.41 -0.38 -3.18
C GLN B 57 7.39 0.49 -3.88
N VAL B 58 6.37 -0.13 -4.47
CA VAL B 58 5.28 0.62 -5.06
C VAL B 58 4.45 0.95 -3.84
N LEU B 59 4.39 2.20 -3.50
CA LEU B 59 3.66 2.62 -2.32
C LEU B 59 2.19 2.75 -2.60
N ASP B 60 1.81 3.04 -3.86
CA ASP B 60 0.41 3.21 -4.27
C ASP B 60 0.27 3.20 -5.76
N SER B 61 -0.90 2.85 -6.23
CA SER B 61 -1.20 2.83 -7.65
C SER B 61 -2.65 3.20 -7.80
N VAL B 62 -2.93 4.15 -8.71
CA VAL B 62 -4.29 4.69 -8.93
C VAL B 62 -4.69 4.76 -10.40
N LEU B 63 -5.90 4.28 -10.69
CA LEU B 63 -6.49 4.37 -12.04
C LEU B 63 -7.36 5.63 -12.12
N VAL B 64 -7.12 6.47 -13.15
CA VAL B 64 -7.82 7.75 -13.36
C VAL B 64 -8.38 7.73 -14.77
N GLY B 65 -9.70 7.75 -14.91
CA GLY B 65 -10.36 7.76 -16.22
C GLY B 65 -11.84 7.38 -16.23
N PRO B 66 -12.56 7.56 -17.36
CA PRO B 66 -12.11 8.10 -18.66
C PRO B 66 -11.98 9.63 -18.60
N VAL B 67 -10.74 10.13 -18.74
CA VAL B 67 -10.44 11.56 -18.65
C VAL B 67 -10.90 12.37 -19.90
N PRO B 68 -11.85 13.32 -19.74
CA PRO B 68 -12.24 14.15 -20.90
C PRO B 68 -11.21 15.26 -21.15
N ALA B 69 -11.28 15.92 -22.32
CA ALA B 69 -10.37 17.01 -22.70
C ALA B 69 -10.45 18.18 -21.72
N GLY B 70 -9.29 18.70 -21.34
CA GLY B 70 -9.17 19.81 -20.40
C GLY B 70 -8.26 19.53 -19.22
N ARG B 71 -8.03 20.58 -18.42
CA ARG B 71 -7.17 20.57 -17.24
C ARG B 71 -7.79 19.78 -16.09
N HIS B 72 -7.01 18.87 -15.47
CA HIS B 72 -7.49 18.16 -14.30
C HIS B 72 -6.48 18.02 -13.18
N MET B 73 -7.00 17.85 -11.97
CA MET B 73 -6.25 17.89 -10.73
C MET B 73 -6.71 16.82 -9.77
N PHE B 74 -5.76 16.25 -8.99
CA PHE B 74 -6.03 15.24 -7.97
C PHE B 74 -4.88 15.13 -6.97
N VAL B 75 -5.22 14.73 -5.75
CA VAL B 75 -4.22 14.47 -4.72
C VAL B 75 -3.92 12.98 -4.78
N PHE B 76 -2.65 12.67 -4.72
CA PHE B 76 -2.12 11.34 -4.78
C PHE B 76 -1.44 11.13 -3.47
N GLN B 77 -2.08 10.29 -2.64
CA GLN B 77 -1.59 9.95 -1.31
C GLN B 77 -1.10 8.51 -1.31
N ALA B 78 -0.07 8.23 -0.53
CA ALA B 78 0.52 6.92 -0.44
C ALA B 78 1.12 6.77 0.93
N ASP B 79 1.00 5.58 1.50
CA ASP B 79 1.52 5.21 2.79
C ASP B 79 3.03 5.12 2.73
N ALA B 80 3.67 5.34 3.88
CA ALA B 80 5.12 5.31 4.03
C ALA B 80 5.75 3.96 3.63
N PRO B 81 7.03 3.94 3.15
CA PRO B 81 7.64 2.66 2.78
C PRO B 81 7.86 1.75 3.97
N ASN B 82 8.15 0.48 3.70
CA ASN B 82 8.39 -0.47 4.75
C ASN B 82 9.88 -0.47 5.11
N PRO B 83 10.24 -0.01 6.34
CA PRO B 83 11.66 0.00 6.77
C PRO B 83 12.31 -1.38 6.71
N GLY B 84 11.53 -2.44 6.89
CA GLY B 84 12.07 -3.81 6.86
C GLY B 84 12.53 -4.28 5.51
N LEU B 85 12.15 -3.57 4.45
CA LEU B 85 12.50 -3.84 3.06
C LEU B 85 13.64 -2.94 2.59
N ILE B 86 14.02 -1.94 3.41
CA ILE B 86 15.07 -0.96 3.11
C ILE B 86 16.41 -1.39 3.74
N PRO B 87 17.50 -1.61 2.94
CA PRO B 87 18.79 -2.00 3.53
C PRO B 87 19.35 -0.89 4.39
N ASP B 88 19.99 -1.29 5.51
CA ASP B 88 20.58 -0.39 6.51
C ASP B 88 21.47 0.71 5.95
N ALA B 89 22.34 0.37 5.00
CA ALA B 89 23.28 1.30 4.35
C ALA B 89 22.60 2.42 3.57
N ASP B 90 21.36 2.22 3.08
CA ASP B 90 20.59 3.22 2.30
C ASP B 90 19.52 3.99 3.10
N ALA B 91 19.29 3.60 4.36
CA ALA B 91 18.30 4.21 5.25
C ALA B 91 18.55 5.71 5.49
N VAL B 92 19.74 6.05 6.02
CA VAL B 92 20.12 7.41 6.32
C VAL B 92 20.88 7.92 5.11
N GLY B 93 20.44 9.07 4.62
CA GLY B 93 21.01 9.70 3.45
C GLY B 93 19.98 9.89 2.36
N VAL B 94 20.48 10.22 1.19
CA VAL B 94 19.68 10.54 0.03
C VAL B 94 19.21 9.31 -0.73
N THR B 95 17.99 9.39 -1.25
CA THR B 95 17.36 8.38 -2.11
C THR B 95 16.40 9.06 -3.11
N VAL B 96 15.62 8.26 -3.83
CA VAL B 96 14.71 8.79 -4.84
C VAL B 96 13.26 8.20 -4.72
N VAL B 97 12.24 9.06 -4.88
CA VAL B 97 10.84 8.69 -4.97
C VAL B 97 10.45 9.01 -6.40
N LEU B 98 9.65 8.16 -7.01
CA LEU B 98 9.22 8.36 -8.40
C LEU B 98 7.71 8.42 -8.53
N ILE B 99 7.26 9.25 -9.47
CA ILE B 99 5.84 9.35 -9.80
C ILE B 99 5.78 9.00 -11.25
N THR B 100 5.10 7.91 -11.58
CA THR B 100 4.98 7.52 -12.98
C THR B 100 3.54 7.56 -13.45
N CYS B 101 3.34 7.64 -14.77
CA CYS B 101 2.03 7.48 -15.39
C CYS B 101 2.07 6.68 -16.67
N THR B 102 1.15 5.71 -16.70
CA THR B 102 0.96 4.79 -17.78
C THR B 102 -0.41 5.03 -18.50
N TYR B 103 -0.51 4.63 -19.77
CA TYR B 103 -1.74 4.66 -20.58
C TYR B 103 -1.59 3.50 -21.54
N ARG B 104 -2.31 2.38 -21.27
CA ARG B 104 -2.28 1.12 -22.02
C ARG B 104 -0.88 0.49 -21.90
N GLY B 105 -0.49 0.24 -20.65
CA GLY B 105 0.79 -0.37 -20.24
C GLY B 105 2.07 0.35 -20.64
N GLN B 106 1.95 1.60 -21.11
CA GLN B 106 3.06 2.41 -21.60
C GLN B 106 3.37 3.69 -20.77
N GLU B 107 4.56 3.71 -20.13
CA GLU B 107 5.08 4.81 -19.35
C GLU B 107 5.44 5.99 -20.28
N PHE B 108 4.77 7.15 -20.12
CA PHE B 108 4.99 8.36 -20.91
C PHE B 108 5.51 9.51 -20.07
N ILE B 109 5.34 9.40 -18.76
CA ILE B 109 5.80 10.40 -17.81
C ILE B 109 6.42 9.75 -16.56
N ARG B 110 7.48 10.37 -16.06
CA ARG B 110 8.19 9.98 -14.86
C ARG B 110 8.68 11.26 -14.21
N VAL B 111 8.12 11.59 -13.04
CA VAL B 111 8.55 12.70 -12.21
C VAL B 111 9.34 12.02 -11.08
N GLY B 112 10.58 12.42 -10.89
CA GLY B 112 11.44 11.89 -9.83
C GLY B 112 11.87 12.97 -8.86
N TYR B 113 11.98 12.62 -7.58
CA TYR B 113 12.42 13.59 -6.60
C TYR B 113 13.55 12.98 -5.83
N TYR B 114 14.53 13.82 -5.45
CA TYR B 114 15.56 13.39 -4.55
C TYR B 114 14.89 13.51 -3.14
N VAL B 115 15.24 12.61 -2.22
CA VAL B 115 14.67 12.53 -0.90
C VAL B 115 15.81 12.36 0.07
N ASN B 116 15.85 13.23 1.05
CA ASN B 116 16.90 13.20 2.06
C ASN B 116 16.33 12.77 3.43
N ASN B 117 16.73 11.57 3.86
CA ASN B 117 16.35 10.96 5.11
C ASN B 117 17.44 11.12 6.12
N GLU B 118 17.18 11.95 7.13
CA GLU B 118 18.15 12.22 8.20
C GLU B 118 17.47 12.30 9.54
N TYR B 119 18.29 12.23 10.59
CA TYR B 119 17.89 12.50 11.94
C TYR B 119 17.94 14.05 12.10
N THR B 120 17.02 14.60 12.89
CA THR B 120 16.90 16.04 13.17
C THR B 120 17.52 16.31 14.55
N GLU B 121 17.79 15.24 15.28
CA GLU B 121 18.39 15.26 16.61
C GLU B 121 19.91 15.33 16.44
N THR B 122 20.58 16.32 17.04
CA THR B 122 22.04 16.47 16.98
C THR B 122 22.78 15.20 17.50
N GLU B 123 22.14 14.51 18.46
CA GLU B 123 22.54 13.26 19.09
C GLU B 123 22.75 12.14 18.05
N LEU B 124 21.71 11.86 17.26
CA LEU B 124 21.71 10.81 16.26
C LEU B 124 22.36 11.23 14.96
N ARG B 125 22.31 12.54 14.65
CA ARG B 125 22.88 13.18 13.46
C ARG B 125 24.43 13.02 13.40
N GLU B 126 25.12 13.32 14.53
CA GLU B 126 26.57 13.26 14.70
C GLU B 126 27.05 11.80 14.85
N ASN B 127 26.25 10.95 15.53
CA ASN B 127 26.57 9.54 15.75
C ASN B 127 25.38 8.64 15.38
N PRO B 128 25.20 8.34 14.07
CA PRO B 128 24.06 7.49 13.67
C PRO B 128 24.21 6.03 14.09
N PRO B 129 23.13 5.41 14.63
CA PRO B 129 23.24 4.00 15.06
C PRO B 129 23.48 3.00 13.92
N VAL B 130 23.91 1.76 14.29
CA VAL B 130 24.17 0.65 13.35
C VAL B 130 22.79 0.24 12.77
N LYS B 131 21.77 0.07 13.64
CA LYS B 131 20.41 -0.19 13.21
C LYS B 131 19.71 1.16 13.11
N PRO B 132 19.25 1.54 11.90
CA PRO B 132 18.58 2.84 11.75
C PRO B 132 17.29 2.93 12.57
N ASP B 133 17.11 4.06 13.26
CA ASP B 133 15.92 4.35 14.05
C ASP B 133 14.99 5.12 13.10
N PHE B 134 14.06 4.38 12.46
CA PHE B 134 13.15 4.97 11.48
C PHE B 134 12.12 5.91 12.09
N SER B 135 11.73 5.68 13.36
CA SER B 135 10.74 6.54 14.00
C SER B 135 11.34 7.91 14.35
N LYS B 136 12.66 8.07 14.12
CA LYS B 136 13.43 9.29 14.40
C LYS B 136 14.00 9.93 13.13
N LEU B 137 13.74 9.33 11.95
CA LEU B 137 14.17 9.87 10.67
C LEU B 137 13.08 10.78 10.11
N GLN B 138 13.51 11.91 9.54
CA GLN B 138 12.66 12.87 8.89
C GLN B 138 12.86 12.69 7.43
N ARG B 139 11.76 12.54 6.71
CA ARG B 139 11.81 12.41 5.27
C ARG B 139 11.72 13.81 4.72
N ASN B 140 12.76 14.28 4.01
CA ASN B 140 12.68 15.61 3.39
C ASN B 140 12.89 15.54 1.87
N ILE B 141 11.78 15.67 1.11
CA ILE B 141 11.70 15.67 -0.35
C ILE B 141 12.23 16.99 -0.93
N LEU B 142 13.00 16.91 -2.04
CA LEU B 142 13.58 18.08 -2.73
C LEU B 142 12.60 18.54 -3.82
N ALA B 143 11.49 19.13 -3.34
CA ALA B 143 10.33 19.62 -4.08
C ALA B 143 10.64 20.73 -5.08
N SER B 144 11.73 21.50 -4.84
CA SER B 144 12.15 22.58 -5.74
C SER B 144 12.92 22.07 -6.97
N ASN B 145 13.33 20.76 -6.95
CA ASN B 145 14.09 20.14 -8.04
C ASN B 145 13.31 18.94 -8.68
N PRO B 146 12.03 19.12 -9.18
CA PRO B 146 11.35 17.97 -9.82
C PRO B 146 12.06 17.56 -11.11
N ARG B 147 12.44 16.30 -11.19
CA ARG B 147 13.15 15.75 -12.31
C ARG B 147 12.18 14.99 -13.23
N VAL B 148 11.79 15.63 -14.33
CA VAL B 148 10.76 15.18 -15.26
C VAL B 148 11.30 14.55 -16.53
N THR B 149 10.76 13.35 -16.87
CA THR B 149 11.11 12.59 -18.07
C THR B 149 9.87 12.14 -18.85
N ARG B 150 9.76 12.64 -20.09
CA ARG B 150 8.71 12.28 -21.06
C ARG B 150 9.21 11.14 -21.99
N PHE B 151 8.32 10.16 -22.29
CA PHE B 151 8.61 9.00 -23.13
C PHE B 151 7.61 8.91 -24.28
N HIS B 152 8.13 8.60 -25.51
CA HIS B 152 7.34 8.49 -26.75
C HIS B 152 6.47 7.25 -26.66
N ILE B 153 5.14 7.44 -26.65
CA ILE B 153 4.16 6.37 -26.48
C ILE B 153 3.14 6.23 -27.61
N ASN B 154 2.33 5.15 -27.58
CA ASN B 154 1.26 4.89 -28.54
C ASN B 154 -0.12 5.22 -27.95
N TRP B 155 -0.79 6.21 -28.54
CA TRP B 155 -2.13 6.64 -28.15
C TRP B 155 -3.11 6.10 -29.22
N GLU B 156 -3.35 4.78 -29.22
CA GLU B 156 -4.21 4.09 -30.17
C GLU B 156 -5.63 3.96 -29.63
N SER C 2 -2.94 -15.65 26.03
CA SER C 2 -3.64 -14.36 25.89
C SER C 2 -4.83 -14.24 26.84
N THR C 3 -5.11 -13.00 27.32
CA THR C 3 -6.22 -12.69 28.21
C THR C 3 -7.55 -12.67 27.44
N GLU C 4 -8.67 -12.77 28.18
CA GLU C 4 -10.00 -12.72 27.60
C GLU C 4 -10.31 -11.38 26.92
N ARG C 5 -9.95 -10.26 27.59
CA ARG C 5 -10.13 -8.90 27.09
C ARG C 5 -9.50 -8.77 25.70
N LYS C 6 -8.32 -9.40 25.45
CA LYS C 6 -7.69 -9.38 24.13
C LYS C 6 -8.48 -10.24 23.11
N TRP C 7 -8.99 -11.44 23.51
CA TRP C 7 -9.80 -12.22 22.57
C TRP C 7 -11.12 -11.50 22.26
N ALA C 8 -11.72 -10.84 23.28
CA ALA C 8 -12.98 -10.07 23.16
C ALA C 8 -12.77 -8.86 22.23
N GLU C 9 -11.64 -8.15 22.40
CA GLU C 9 -11.24 -7.04 21.54
C GLU C 9 -11.10 -7.51 20.06
N LEU C 10 -10.49 -8.70 19.84
CA LEU C 10 -10.29 -9.26 18.50
C LEU C 10 -11.60 -9.74 17.90
N ALA C 11 -12.53 -10.24 18.74
CA ALA C 11 -13.85 -10.71 18.33
C ALA C 11 -14.67 -9.56 17.76
N ARG C 12 -14.66 -8.42 18.49
CA ARG C 12 -15.33 -7.15 18.16
C ARG C 12 -14.81 -6.65 16.78
N ARG C 13 -13.47 -6.58 16.58
CA ARG C 13 -12.86 -6.18 15.30
C ARG C 13 -13.32 -7.05 14.16
N ILE C 14 -13.41 -8.39 14.40
CA ILE C 14 -13.88 -9.33 13.40
C ILE C 14 -15.31 -9.08 12.95
N ARG C 15 -16.28 -9.01 13.90
CA ARG C 15 -17.70 -8.87 13.62
C ARG C 15 -18.15 -7.45 13.25
N GLY C 16 -17.31 -6.47 13.56
CA GLY C 16 -17.67 -5.08 13.34
C GLY C 16 -18.81 -4.71 14.27
N ALA C 17 -19.89 -4.10 13.73
CA ALA C 17 -21.08 -3.72 14.48
C ALA C 17 -22.36 -3.81 13.62
N GLY C 18 -23.41 -4.40 14.20
CA GLY C 18 -24.74 -4.52 13.59
C GLY C 18 -24.92 -5.50 12.45
N GLY C 19 -24.21 -6.64 12.50
CA GLY C 19 -24.30 -7.71 11.51
C GLY C 19 -24.42 -9.09 12.11
N VAL C 20 -24.60 -10.12 11.26
CA VAL C 20 -24.74 -11.50 11.73
C VAL C 20 -23.49 -12.32 11.35
N THR C 21 -22.79 -12.86 12.37
CA THR C 21 -21.54 -13.59 12.21
C THR C 21 -21.71 -15.11 12.28
N LEU C 22 -21.14 -15.81 11.27
CA LEU C 22 -21.18 -17.28 11.16
C LEU C 22 -19.80 -17.81 10.68
N ASN C 23 -19.40 -19.01 11.15
CA ASN C 23 -18.14 -19.64 10.68
C ASN C 23 -18.45 -20.32 9.35
N GLY C 24 -17.78 -19.87 8.32
CA GLY C 24 -18.00 -20.35 6.97
C GLY C 24 -18.93 -19.46 6.18
N PHE C 25 -19.07 -19.80 4.91
CA PHE C 25 -19.85 -19.09 3.91
C PHE C 25 -21.16 -19.82 3.64
N SER D 2 28.62 10.01 0.15
CA SER D 2 28.06 10.39 -1.15
C SER D 2 29.00 10.14 -2.38
N THR D 3 29.31 8.83 -2.68
CA THR D 3 30.13 8.42 -3.84
C THR D 3 29.40 8.75 -5.14
N GLU D 4 30.17 8.89 -6.22
CA GLU D 4 29.64 9.17 -7.55
C GLU D 4 28.77 8.05 -8.08
N ARG D 5 29.23 6.79 -7.92
CA ARG D 5 28.51 5.58 -8.34
C ARG D 5 27.07 5.60 -7.75
N LYS D 6 26.91 6.14 -6.53
CA LYS D 6 25.60 6.26 -5.87
C LYS D 6 24.74 7.36 -6.50
N TRP D 7 25.35 8.49 -6.82
CA TRP D 7 24.59 9.55 -7.48
C TRP D 7 24.22 9.13 -8.91
N ALA D 8 25.13 8.39 -9.59
CA ALA D 8 24.93 7.89 -10.96
C ALA D 8 23.80 6.87 -10.99
N GLU D 9 23.79 5.94 -10.01
CA GLU D 9 22.72 4.95 -9.80
C GLU D 9 21.36 5.64 -9.59
N LEU D 10 21.33 6.74 -8.78
CA LEU D 10 20.09 7.49 -8.51
C LEU D 10 19.65 8.29 -9.72
N ALA D 11 20.59 8.76 -10.53
CA ALA D 11 20.30 9.51 -11.76
C ALA D 11 19.56 8.65 -12.78
N ARG D 12 20.06 7.39 -13.02
CA ARG D 12 19.52 6.30 -13.86
C ARG D 12 18.07 5.99 -13.43
N ARG D 13 17.85 5.77 -12.12
CA ARG D 13 16.49 5.52 -11.58
C ARG D 13 15.52 6.66 -11.85
N ILE D 14 16.01 7.92 -11.73
CA ILE D 14 15.22 9.09 -12.03
C ILE D 14 14.77 9.17 -13.49
N ARG D 15 15.71 9.10 -14.44
CA ARG D 15 15.46 9.24 -15.87
C ARG D 15 14.83 7.99 -16.54
N GLY D 16 14.92 6.85 -15.87
CA GLY D 16 14.44 5.59 -16.46
C GLY D 16 15.34 5.22 -17.61
N ALA D 17 14.74 4.90 -18.79
CA ALA D 17 15.46 4.58 -20.02
C ALA D 17 14.69 5.04 -21.28
N GLY D 18 15.40 5.69 -22.21
CA GLY D 18 14.86 6.13 -23.50
C GLY D 18 13.90 7.30 -23.51
N GLY D 19 14.15 8.30 -22.66
CA GLY D 19 13.35 9.50 -22.56
C GLY D 19 14.15 10.77 -22.45
N VAL D 20 13.47 11.92 -22.42
CA VAL D 20 14.14 13.23 -22.33
C VAL D 20 13.92 13.87 -20.97
N THR D 21 15.03 14.13 -20.24
CA THR D 21 15.01 14.66 -18.88
C THR D 21 15.30 16.15 -18.81
N LEU D 22 14.42 16.90 -18.09
CA LEU D 22 14.51 18.34 -17.88
C LEU D 22 14.14 18.70 -16.43
N ASN D 23 14.79 19.72 -15.84
CA ASN D 23 14.43 20.20 -14.49
C ASN D 23 13.22 21.11 -14.64
N GLY D 24 12.14 20.69 -13.99
CA GLY D 24 10.86 21.39 -14.03
C GLY D 24 9.96 20.85 -15.12
N PHE D 25 8.77 21.41 -15.20
CA PHE D 25 7.70 21.05 -16.12
C PHE D 25 7.61 22.04 -17.26
S SO4 E . -14.85 -1.45 13.62
O1 SO4 E . -14.10 -1.71 12.39
O2 SO4 E . -16.28 -1.76 13.30
O3 SO4 E . -14.37 -2.28 14.76
O4 SO4 E . -14.73 -0.01 13.95
S SO4 F . 13.96 1.53 -14.09
O1 SO4 F . 14.04 1.70 -15.55
O2 SO4 F . 12.60 1.87 -13.61
O3 SO4 F . 14.24 0.13 -13.76
O4 SO4 F . 14.98 2.38 -13.46
#